data_2A5R
#
_entry.id   2A5R
#
_cell.length_a   1.000
_cell.length_b   1.000
_cell.length_c   1.000
_cell.angle_alpha   90.00
_cell.angle_beta   90.00
_cell.angle_gamma   90.00
#
_symmetry.space_group_name_H-M   'P 1'
#
loop_
_entity.id
_entity.type
_entity.pdbx_description
1 polymer "5'-D(*TP*GP*AP*GP*GP*GP*TP*GP*GP*IP*GP*AP*GP*GP*GP*TP*GP*GP*GP*GP*AP*AP*GP*G)-3'"
2 non-polymer (1Z,4Z,9Z,15Z)-5,10,15,20-tetrakis(1-methylpyridin-1-ium-4-yl)-21,23-dihydroporphyrin
#
_entity_poly.entity_id   1
_entity_poly.type   'polydeoxyribonucleotide'
_entity_poly.pdbx_seq_one_letter_code
;(DT)(DG)(DA)(DG)(DG)(DG)(DT)(DG)(DG)(DI)(DG)(DA)(DG)(DG)(DG)(DT)(DG)(DG)(DG)(DG)
(DA)(DA)(DG)(DG)
;
_entity_poly.pdbx_strand_id   A
#